data_4W8K
#
_entry.id   4W8K
#
_cell.length_a   70.590
_cell.length_b   83.320
_cell.length_c   133.980
_cell.angle_alpha   90.00
_cell.angle_beta   90.00
_cell.angle_gamma   90.00
#
_symmetry.space_group_name_H-M   'P 21 21 21'
#
loop_
_entity.id
_entity.type
_entity.pdbx_description
1 polymer 'Cas1 protein'
2 non-polymer 'POTASSIUM ION'
3 water water
#
_entity_poly.entity_id   1
_entity_poly.type   'polypeptide(L)'
_entity_poly.pdbx_seq_one_letter_code
;MGSSHHHHHHSSGRENLYFQGMQKQILTSQKRNMYILSRCKVLVKNGQVCHLHEDGNVYTVPYANTVFIGLAEGTSITNE
AMSMLAANGVIVFWTKGGGYDMFAADIICHLPQADYRPTKYMQNWVRLWLDEEKKLSAAKEILKMRVDSLSTHVHDFGVD
VENKRVSSIVNKFDKGVTQATSFESLLGHEGTFVKSLYKEYALEYEIEFKRDHKSADNYNKFLTLGNYYAYGIARSSLWA
LGIDNSFPLLHGSTRRGGLVFDVADIIKTSIILPLAFHAADQGMSNTEFKRSCVAYFDKNDILAYLINNIKRLCMENSDV
HQD
;
_entity_poly.pdbx_strand_id   A,B
#
loop_
_chem_comp.id
_chem_comp.type
_chem_comp.name
_chem_comp.formula
K non-polymer 'POTASSIUM ION' 'K 1'
#
# COMPACT_ATOMS: atom_id res chain seq x y z
N GLN A 25 10.33 12.24 -11.73
CA GLN A 25 11.01 12.17 -13.01
C GLN A 25 12.32 11.38 -12.90
N ILE A 26 12.64 10.95 -11.69
CA ILE A 26 13.72 9.99 -11.49
C ILE A 26 13.13 8.58 -11.35
N LEU A 27 13.67 7.65 -12.13
CA LEU A 27 13.24 6.26 -12.09
C LEU A 27 13.43 5.67 -10.70
N THR A 28 12.51 4.80 -10.28
CA THR A 28 12.53 4.23 -8.94
C THR A 28 13.85 3.52 -8.66
N SER A 29 14.31 2.72 -9.62
CA SER A 29 15.54 1.95 -9.45
C SER A 29 16.80 2.81 -9.55
N GLN A 30 16.63 4.09 -9.88
CA GLN A 30 17.78 4.97 -10.01
C GLN A 30 17.96 5.85 -8.78
N LYS A 31 17.06 5.70 -7.81
CA LYS A 31 17.18 6.40 -6.54
C LYS A 31 18.25 5.73 -5.69
N ARG A 32 19.18 6.52 -5.15
CA ARG A 32 20.37 5.95 -4.56
C ARG A 32 20.47 6.13 -3.05
N ASN A 33 19.58 6.92 -2.48
CA ASN A 33 19.62 7.18 -1.04
C ASN A 33 18.60 6.38 -0.27
N MET A 34 18.93 6.07 0.98
CA MET A 34 18.01 5.38 1.90
C MET A 34 18.55 5.54 3.31
N TYR A 35 17.66 5.50 4.30
CA TYR A 35 18.02 5.91 5.66
C TYR A 35 17.36 5.07 6.74
N ILE A 36 18.10 4.87 7.84
CA ILE A 36 17.52 4.35 9.07
C ILE A 36 17.76 5.40 10.16
N LEU A 37 16.70 6.11 10.54
CA LEU A 37 16.83 7.26 11.43
C LEU A 37 16.51 6.92 12.88
N SER A 38 17.23 7.54 13.80
CA SER A 38 17.04 7.32 15.23
C SER A 38 17.12 8.64 16.00
N ARG A 39 16.40 8.73 17.11
CA ARG A 39 16.47 9.88 18.02
C ARG A 39 16.37 11.22 17.30
N CYS A 40 15.30 11.40 16.53
CA CYS A 40 15.11 12.64 15.78
C CYS A 40 13.66 12.81 15.37
N LYS A 41 13.31 14.02 14.95
CA LYS A 41 11.98 14.31 14.44
C LYS A 41 12.05 14.50 12.94
N VAL A 42 11.22 13.77 12.19
CA VAL A 42 11.18 13.94 10.75
C VAL A 42 10.03 14.87 10.40
N LEU A 43 10.35 15.95 9.69
CA LEU A 43 9.36 16.97 9.40
C LEU A 43 9.72 17.74 8.15
N VAL A 44 8.91 18.72 7.79
CA VAL A 44 9.18 19.56 6.64
C VAL A 44 9.63 20.95 7.08
N LYS A 45 10.86 21.30 6.73
CA LYS A 45 11.39 22.65 6.98
C LYS A 45 11.91 23.25 5.69
N ASN A 46 11.45 24.47 5.38
CA ASN A 46 11.85 25.19 4.19
C ASN A 46 11.58 24.40 2.91
N GLY A 47 10.48 23.65 2.91
CA GLY A 47 10.09 22.87 1.75
C GLY A 47 10.96 21.64 1.53
N GLN A 48 11.69 21.26 2.57
CA GLN A 48 12.56 20.09 2.50
C GLN A 48 12.14 19.06 3.55
N VAL A 49 12.15 17.79 3.17
CA VAL A 49 12.02 16.74 4.16
C VAL A 49 13.35 16.64 4.90
N CYS A 50 13.29 16.70 6.23
CA CYS A 50 14.52 16.65 7.01
C CYS A 50 14.31 16.02 8.37
N HIS A 51 15.40 15.77 9.08
CA HIS A 51 15.29 15.29 10.45
C HIS A 51 16.05 16.20 11.42
N LEU A 52 15.35 16.57 12.48
CA LEU A 52 15.86 17.50 13.48
C LEU A 52 16.27 16.76 14.74
N HIS A 53 17.46 17.09 15.25
CA HIS A 53 17.98 16.40 16.42
C HIS A 53 17.96 17.28 17.65
N GLU A 54 18.28 16.70 18.80
CA GLU A 54 18.19 17.40 20.08
C GLU A 54 19.20 18.54 20.18
N ASP A 55 20.29 18.47 19.40
CA ASP A 55 21.33 19.50 19.46
C ASP A 55 21.02 20.71 18.57
N GLY A 56 19.88 20.68 17.89
CA GLY A 56 19.48 21.77 17.02
C GLY A 56 19.80 21.54 15.56
N ASN A 57 20.62 20.52 15.29
CA ASN A 57 21.04 20.23 13.92
C ASN A 57 19.93 19.68 13.03
N VAL A 58 19.84 20.25 11.82
CA VAL A 58 18.85 19.81 10.85
C VAL A 58 19.56 19.23 9.61
N TYR A 59 19.22 17.99 9.28
CA TYR A 59 19.78 17.31 8.11
C TYR A 59 18.66 16.98 7.12
N THR A 60 18.89 17.23 5.82
CA THR A 60 17.83 17.05 4.84
C THR A 60 17.89 15.69 4.12
N VAL A 61 16.73 15.24 3.67
CA VAL A 61 16.61 14.02 2.89
C VAL A 61 16.17 14.37 1.47
N PRO A 62 16.97 13.94 0.48
CA PRO A 62 16.59 14.15 -0.93
C PRO A 62 15.36 13.32 -1.28
N TYR A 63 14.19 13.92 -1.15
CA TYR A 63 12.93 13.18 -1.28
C TYR A 63 12.69 12.64 -2.69
N ALA A 64 13.29 13.28 -3.70
CA ALA A 64 13.13 12.81 -5.07
C ALA A 64 14.17 11.75 -5.43
N ASN A 65 15.06 11.44 -4.49
CA ASN A 65 16.17 10.51 -4.75
C ASN A 65 16.35 9.51 -3.61
N THR A 66 15.25 9.17 -2.95
CA THR A 66 15.29 8.31 -1.77
C THR A 66 14.39 7.10 -1.95
N VAL A 67 14.94 5.93 -1.64
CA VAL A 67 14.21 4.66 -1.81
C VAL A 67 13.30 4.42 -0.62
N PHE A 68 13.86 4.52 0.58
CA PHE A 68 13.07 4.32 1.78
C PHE A 68 13.61 5.10 2.96
N ILE A 69 12.76 5.26 3.95
CA ILE A 69 13.15 5.74 5.25
C ILE A 69 12.66 4.77 6.31
N GLY A 70 13.58 4.25 7.12
CA GLY A 70 13.22 3.43 8.25
C GLY A 70 13.30 4.24 9.52
N LEU A 71 12.30 4.09 10.40
CA LEU A 71 12.21 4.86 11.63
C LEU A 71 12.43 3.98 12.85
N ALA A 72 13.50 4.25 13.59
CA ALA A 72 13.84 3.46 14.78
C ALA A 72 13.46 4.19 16.07
N GLU A 73 14.17 3.91 17.15
CA GLU A 73 13.77 4.41 18.46
C GLU A 73 13.91 5.93 18.59
N GLY A 74 13.04 6.54 19.38
CA GLY A 74 13.06 7.96 19.63
C GLY A 74 12.78 8.80 18.38
N THR A 75 12.01 8.26 17.45
CA THR A 75 11.66 9.01 16.24
C THR A 75 10.19 9.42 16.19
N SER A 76 9.92 10.48 15.45
CA SER A 76 8.55 10.89 15.13
C SER A 76 8.53 11.40 13.70
N ILE A 77 7.35 11.45 13.09
CA ILE A 77 7.22 11.94 11.73
C ILE A 77 5.87 12.62 11.56
N THR A 78 5.84 13.71 10.79
CA THR A 78 4.64 14.49 10.61
C THR A 78 3.90 14.07 9.34
N ASN A 79 2.61 14.40 9.25
CA ASN A 79 1.83 14.06 8.08
C ASN A 79 2.32 14.82 6.85
N GLU A 80 2.88 16.00 7.09
CA GLU A 80 3.44 16.83 6.04
C GLU A 80 4.65 16.14 5.39
N ALA A 81 5.54 15.58 6.20
CA ALA A 81 6.69 14.85 5.69
C ALA A 81 6.24 13.57 4.98
N MET A 82 5.25 12.89 5.55
CA MET A 82 4.72 11.67 4.97
C MET A 82 4.11 11.95 3.60
N SER A 83 3.43 13.08 3.49
CA SER A 83 2.78 13.49 2.24
C SER A 83 3.80 13.68 1.13
N MET A 84 4.90 14.37 1.44
CA MET A 84 5.95 14.63 0.46
C MET A 84 6.67 13.35 0.07
N LEU A 85 6.96 12.52 1.07
CA LEU A 85 7.62 11.24 0.83
C LEU A 85 6.76 10.32 -0.03
N ALA A 86 5.48 10.22 0.30
CA ALA A 86 4.57 9.35 -0.44
C ALA A 86 4.37 9.85 -1.88
N ALA A 87 4.32 11.16 -2.06
CA ALA A 87 4.13 11.74 -3.39
C ALA A 87 5.34 11.48 -4.29
N ASN A 88 6.48 11.17 -3.69
CA ASN A 88 7.69 10.86 -4.44
C ASN A 88 8.09 9.39 -4.40
N GLY A 89 7.13 8.53 -4.08
CA GLY A 89 7.36 7.10 -4.15
C GLY A 89 8.36 6.58 -3.13
N VAL A 90 8.44 7.26 -2.00
CA VAL A 90 9.30 6.81 -0.91
C VAL A 90 8.50 5.96 0.06
N ILE A 91 9.00 4.77 0.37
CA ILE A 91 8.37 3.89 1.33
CA ILE A 91 8.31 3.94 1.34
C ILE A 91 8.89 4.18 2.74
N VAL A 92 7.99 4.18 3.72
CA VAL A 92 8.36 4.45 5.11
C VAL A 92 7.99 3.27 5.98
N PHE A 93 8.94 2.81 6.80
CA PHE A 93 8.62 1.75 7.75
C PHE A 93 9.25 1.98 9.12
N TRP A 94 8.73 1.26 10.11
CA TRP A 94 9.22 1.32 11.48
C TRP A 94 9.94 0.02 11.83
N THR A 95 11.14 0.13 12.38
CA THR A 95 11.92 -1.07 12.72
C THR A 95 11.32 -1.84 13.89
N LYS A 96 10.55 -1.17 14.74
CA LYS A 96 9.82 -1.87 15.80
C LYS A 96 8.34 -2.01 15.43
N GLY A 97 7.86 -3.25 15.39
CA GLY A 97 6.52 -3.52 14.90
C GLY A 97 5.47 -3.81 15.95
N GLY A 98 5.89 -3.88 17.21
CA GLY A 98 4.97 -4.11 18.30
C GLY A 98 5.00 -5.52 18.85
N GLY A 99 5.56 -6.44 18.08
CA GLY A 99 5.67 -7.83 18.51
C GLY A 99 6.86 -8.07 19.43
N ALA A 104 11.15 -7.95 13.39
CA ALA A 104 11.71 -9.04 12.59
C ALA A 104 10.86 -9.29 11.35
N ALA A 105 9.56 -9.48 11.56
CA ALA A 105 8.63 -9.72 10.47
C ALA A 105 7.33 -8.94 10.69
N ASP A 106 7.21 -8.34 11.87
CA ASP A 106 6.05 -7.54 12.21
C ASP A 106 6.27 -6.08 11.84
N ILE A 107 7.21 -5.84 10.94
CA ILE A 107 7.57 -4.49 10.49
C ILE A 107 6.35 -3.74 9.95
N ILE A 108 6.04 -2.62 10.58
CA ILE A 108 5.00 -1.73 10.10
C ILE A 108 5.54 -0.91 8.93
N CYS A 109 4.87 -0.97 7.79
CA CYS A 109 5.40 -0.31 6.61
C CYS A 109 4.29 0.43 5.86
N HIS A 110 4.46 1.74 5.66
CA HIS A 110 3.45 2.53 4.98
C HIS A 110 3.83 2.84 3.53
N LEU A 111 3.00 2.40 2.60
CA LEU A 111 3.24 2.58 1.17
C LEU A 111 2.44 3.75 0.61
N PRO A 112 2.95 4.38 -0.46
CA PRO A 112 2.15 5.39 -1.17
C PRO A 112 0.86 4.78 -1.70
N GLN A 113 -0.28 5.44 -1.48
CA GLN A 113 -1.58 4.87 -1.81
C GLN A 113 -2.33 5.67 -2.88
N ALA A 114 -1.92 6.90 -3.13
CA ALA A 114 -2.66 7.78 -4.03
C ALA A 114 -2.13 7.74 -5.46
N ASP A 115 -0.88 7.32 -5.61
CA ASP A 115 -0.27 7.20 -6.94
C ASP A 115 -0.41 5.77 -7.46
N TYR A 116 -1.44 5.51 -8.25
CA TYR A 116 -1.83 4.15 -8.62
C TYR A 116 -0.74 3.42 -9.41
N ARG A 117 -0.55 2.15 -9.06
CA ARG A 117 0.52 1.34 -9.62
C ARG A 117 0.13 0.75 -10.97
N PRO A 118 1.13 0.25 -11.74
CA PRO A 118 0.80 -0.51 -12.95
C PRO A 118 -0.05 -1.73 -12.60
N THR A 119 -0.91 -2.14 -13.53
CA THR A 119 -1.86 -3.20 -13.25
C THR A 119 -1.41 -4.57 -13.76
N LYS A 120 -0.61 -4.56 -14.82
CA LYS A 120 -0.29 -5.79 -15.55
C LYS A 120 0.39 -6.85 -14.68
N TYR A 121 1.32 -6.43 -13.84
CA TYR A 121 2.13 -7.38 -13.08
C TYR A 121 1.31 -8.08 -12.01
N MET A 122 0.54 -7.33 -11.23
CA MET A 122 -0.28 -7.92 -10.19
C MET A 122 -1.33 -8.88 -10.76
N GLN A 123 -1.83 -8.56 -11.94
CA GLN A 123 -2.83 -9.40 -12.60
C GLN A 123 -2.22 -10.75 -12.99
N ASN A 124 -0.97 -10.72 -13.44
CA ASN A 124 -0.25 -11.95 -13.76
C ASN A 124 0.17 -12.70 -12.50
N TRP A 125 0.51 -11.95 -11.45
CA TRP A 125 0.94 -12.56 -10.20
C TRP A 125 -0.20 -13.37 -9.60
N VAL A 126 -1.41 -12.82 -9.70
CA VAL A 126 -2.61 -13.46 -9.19
C VAL A 126 -2.88 -14.81 -9.87
N ARG A 127 -2.76 -14.85 -11.20
CA ARG A 127 -2.96 -16.09 -11.94
C ARG A 127 -1.89 -17.10 -11.57
N LEU A 128 -0.66 -16.62 -11.41
CA LEU A 128 0.48 -17.43 -11.02
C LEU A 128 0.28 -18.02 -9.62
N TRP A 129 -0.20 -17.20 -8.70
CA TRP A 129 -0.32 -17.55 -7.30
C TRP A 129 -1.43 -18.57 -7.04
N LEU A 130 -2.54 -18.44 -7.76
CA LEU A 130 -3.69 -19.33 -7.57
C LEU A 130 -3.44 -20.73 -8.12
N ASP A 131 -2.57 -20.82 -9.11
CA ASP A 131 -2.19 -22.12 -9.67
C ASP A 131 -1.11 -22.76 -8.81
N GLU A 132 -1.48 -23.78 -8.05
CA GLU A 132 -0.59 -24.37 -7.06
C GLU A 132 0.70 -24.94 -7.65
N GLU A 133 0.66 -25.33 -8.92
CA GLU A 133 1.85 -25.87 -9.57
C GLU A 133 2.70 -24.77 -10.18
N LYS A 134 2.06 -23.74 -10.72
CA LYS A 134 2.79 -22.57 -11.19
C LYS A 134 3.42 -21.83 -10.02
N LYS A 135 2.75 -21.91 -8.87
CA LYS A 135 3.24 -21.26 -7.65
C LYS A 135 4.48 -21.96 -7.13
N LEU A 136 4.47 -23.29 -7.17
CA LEU A 136 5.61 -24.08 -6.74
C LEU A 136 6.80 -23.83 -7.66
N SER A 137 6.53 -23.73 -8.96
CA SER A 137 7.55 -23.47 -9.95
C SER A 137 8.17 -22.08 -9.75
N ALA A 138 7.32 -21.11 -9.45
CA ALA A 138 7.78 -19.75 -9.18
C ALA A 138 8.64 -19.72 -7.90
N ALA A 139 8.22 -20.50 -6.90
CA ALA A 139 8.94 -20.55 -5.63
C ALA A 139 10.35 -21.12 -5.81
N LYS A 140 10.47 -22.13 -6.66
CA LYS A 140 11.77 -22.73 -6.92
C LYS A 140 12.67 -21.74 -7.67
N GLU A 141 12.07 -20.93 -8.53
CA GLU A 141 12.83 -19.97 -9.31
C GLU A 141 13.33 -18.80 -8.47
N ILE A 142 12.51 -18.34 -7.52
CA ILE A 142 12.93 -17.23 -6.67
C ILE A 142 13.95 -17.72 -5.65
N LEU A 143 13.94 -19.02 -5.38
CA LEU A 143 14.95 -19.63 -4.52
C LEU A 143 16.30 -19.70 -5.24
N LYS A 144 16.27 -20.12 -6.51
CA LYS A 144 17.49 -20.24 -7.31
C LYS A 144 18.11 -18.87 -7.60
N MET A 145 17.30 -17.82 -7.48
CA MET A 145 17.81 -16.47 -7.65
C MET A 145 18.85 -16.14 -6.59
N ARG A 146 18.70 -16.73 -5.40
CA ARG A 146 19.70 -16.59 -4.34
C ARG A 146 21.07 -17.09 -4.80
N VAL A 147 21.08 -18.18 -5.57
CA VAL A 147 22.32 -18.73 -6.09
C VAL A 147 22.93 -17.79 -7.12
N ASP A 148 22.08 -17.28 -8.01
CA ASP A 148 22.52 -16.34 -9.05
C ASP A 148 23.13 -15.09 -8.43
N SER A 149 22.51 -14.56 -7.38
CA SER A 149 23.00 -13.37 -6.71
C SER A 149 24.34 -13.67 -6.01
N LEU A 150 24.46 -14.88 -5.47
CA LEU A 150 25.65 -15.28 -4.73
C LEU A 150 26.91 -15.26 -5.62
N SER A 151 26.77 -15.66 -6.87
CA SER A 151 27.90 -15.69 -7.79
C SER A 151 28.11 -14.36 -8.49
N THR A 152 27.03 -13.62 -8.71
CA THR A 152 27.08 -12.33 -9.37
C THR A 152 27.59 -11.22 -8.46
N HIS A 153 27.00 -11.12 -7.27
CA HIS A 153 27.32 -10.05 -6.33
C HIS A 153 28.42 -10.49 -5.37
N VAL A 154 29.67 -10.25 -5.77
CA VAL A 154 30.81 -10.73 -5.01
C VAL A 154 31.49 -9.61 -4.23
N HIS A 155 32.48 -9.99 -3.42
CA HIS A 155 33.22 -9.05 -2.60
C HIS A 155 34.69 -9.39 -2.60
N ASP A 156 35.54 -8.36 -2.54
CA ASP A 156 36.98 -8.54 -2.61
C ASP A 156 37.58 -8.82 -1.23
N PHE A 157 36.83 -9.52 -0.39
CA PHE A 157 37.28 -9.88 0.95
C PHE A 157 36.47 -11.05 1.49
N GLY A 158 36.90 -11.58 2.64
CA GLY A 158 36.16 -12.62 3.32
C GLY A 158 36.12 -13.94 2.56
N VAL A 159 34.92 -14.52 2.48
CA VAL A 159 34.74 -15.84 1.89
C VAL A 159 34.82 -15.83 0.36
N ASP A 160 35.62 -16.73 -0.21
CA ASP A 160 35.62 -16.96 -1.64
C ASP A 160 34.44 -17.87 -1.99
N VAL A 161 33.42 -17.30 -2.62
CA VAL A 161 32.19 -18.03 -2.91
C VAL A 161 32.39 -19.13 -3.94
N GLU A 162 33.55 -19.16 -4.57
CA GLU A 162 33.81 -20.15 -5.61
C GLU A 162 34.65 -21.32 -5.11
N ASN A 163 34.95 -21.35 -3.81
CA ASN A 163 35.72 -22.47 -3.26
C ASN A 163 34.87 -23.73 -3.23
N LYS A 164 35.50 -24.86 -2.94
CA LYS A 164 34.83 -26.15 -3.03
C LYS A 164 33.72 -26.33 -2.00
N ARG A 165 33.91 -25.78 -0.81
CA ARG A 165 32.90 -25.93 0.24
C ARG A 165 31.61 -25.16 -0.08
N VAL A 166 31.74 -23.92 -0.55
CA VAL A 166 30.57 -23.14 -0.93
C VAL A 166 29.92 -23.74 -2.17
N SER A 167 30.75 -24.23 -3.09
CA SER A 167 30.26 -24.89 -4.29
C SER A 167 29.42 -26.11 -3.94
N SER A 168 29.86 -26.85 -2.91
CA SER A 168 29.11 -28.01 -2.42
C SER A 168 27.79 -27.59 -1.76
N ILE A 169 27.82 -26.51 -1.00
CA ILE A 169 26.63 -25.98 -0.34
C ILE A 169 25.59 -25.58 -1.39
N VAL A 170 26.05 -24.88 -2.41
CA VAL A 170 25.21 -24.44 -3.51
C VAL A 170 24.61 -25.62 -4.27
N ASN A 171 25.44 -26.59 -4.62
CA ASN A 171 24.98 -27.76 -5.35
CA ASN A 171 24.98 -27.77 -5.35
C ASN A 171 23.90 -28.53 -4.59
N LYS A 172 24.15 -28.81 -3.31
CA LYS A 172 23.18 -29.49 -2.48
C LYS A 172 21.85 -28.73 -2.41
N PHE A 173 21.94 -27.40 -2.38
CA PHE A 173 20.75 -26.55 -2.34
C PHE A 173 19.99 -26.62 -3.67
N ASP A 174 20.72 -26.47 -4.77
CA ASP A 174 20.13 -26.46 -6.11
C ASP A 174 19.41 -27.76 -6.44
N LYS A 175 20.04 -28.90 -6.15
CA LYS A 175 19.45 -30.20 -6.43
C LYS A 175 18.23 -30.44 -5.55
N GLY A 176 18.31 -30.00 -4.30
CA GLY A 176 17.19 -30.14 -3.38
C GLY A 176 15.98 -29.32 -3.81
N VAL A 177 16.24 -28.17 -4.42
CA VAL A 177 15.19 -27.28 -4.91
C VAL A 177 14.58 -27.87 -6.18
N THR A 178 15.43 -28.44 -7.03
CA THR A 178 15.01 -29.02 -8.30
C THR A 178 14.04 -30.18 -8.12
N GLN A 179 14.06 -30.82 -6.94
CA GLN A 179 13.39 -32.10 -6.76
C GLN A 179 12.23 -32.11 -5.77
N ALA A 180 11.99 -31.00 -5.08
CA ALA A 180 10.96 -30.95 -4.04
C ALA A 180 9.55 -31.10 -4.61
N THR A 181 8.66 -31.68 -3.82
CA THR A 181 7.27 -31.90 -4.22
C THR A 181 6.30 -31.04 -3.41
N SER A 182 6.85 -30.28 -2.46
CA SER A 182 6.04 -29.44 -1.60
C SER A 182 6.79 -28.19 -1.16
N PHE A 183 6.05 -27.22 -0.64
CA PHE A 183 6.66 -25.99 -0.12
C PHE A 183 7.40 -26.29 1.18
N GLU A 184 6.86 -27.21 1.96
CA GLU A 184 7.46 -27.58 3.24
C GLU A 184 8.85 -28.18 3.01
N SER A 185 9.00 -28.86 1.88
CA SER A 185 10.28 -29.42 1.47
C SER A 185 11.25 -28.33 1.04
N LEU A 186 10.73 -27.29 0.39
CA LEU A 186 11.55 -26.17 -0.04
C LEU A 186 12.13 -25.43 1.14
N LEU A 187 11.35 -25.32 2.22
CA LEU A 187 11.78 -24.64 3.42
C LEU A 187 12.90 -25.40 4.12
N GLY A 188 12.93 -26.72 3.93
CA GLY A 188 13.97 -27.54 4.50
C GLY A 188 15.32 -27.25 3.87
N HIS A 189 15.34 -27.20 2.55
CA HIS A 189 16.57 -26.93 1.81
C HIS A 189 17.01 -25.48 1.96
N GLU A 190 16.02 -24.59 2.08
CA GLU A 190 16.31 -23.17 2.27
C GLU A 190 17.01 -22.95 3.61
N GLY A 191 16.51 -23.61 4.64
CA GLY A 191 17.09 -23.50 5.97
C GLY A 191 18.50 -24.03 6.03
N THR A 192 18.74 -25.15 5.35
CA THR A 192 20.07 -25.77 5.31
C THR A 192 21.06 -24.89 4.56
N PHE A 193 20.60 -24.29 3.47
CA PHE A 193 21.43 -23.42 2.65
C PHE A 193 21.96 -22.22 3.44
N VAL A 194 21.04 -21.50 4.09
CA VAL A 194 21.40 -20.32 4.86
C VAL A 194 22.29 -20.67 6.05
N LYS A 195 21.90 -21.69 6.80
CA LYS A 195 22.63 -22.10 7.99
C LYS A 195 24.06 -22.53 7.67
N SER A 196 24.23 -23.22 6.54
CA SER A 196 25.55 -23.67 6.12
C SER A 196 26.45 -22.49 5.72
N LEU A 197 25.86 -21.47 5.10
CA LEU A 197 26.62 -20.29 4.71
C LEU A 197 27.06 -19.49 5.94
N TYR A 198 26.20 -19.41 6.94
CA TYR A 198 26.54 -18.80 8.22
C TYR A 198 27.81 -19.44 8.80
N LYS A 199 27.86 -20.76 8.77
CA LYS A 199 28.96 -21.51 9.36
C LYS A 199 30.25 -21.27 8.59
N GLU A 200 30.14 -21.09 7.28
CA GLU A 200 31.30 -20.87 6.44
C GLU A 200 31.90 -19.49 6.70
N TYR A 201 31.04 -18.49 6.88
CA TYR A 201 31.51 -17.15 7.21
C TYR A 201 32.09 -17.10 8.62
N ALA A 202 31.48 -17.88 9.52
CA ALA A 202 31.97 -17.98 10.90
C ALA A 202 33.37 -18.57 10.93
N LEU A 203 33.60 -19.56 10.08
CA LEU A 203 34.90 -20.21 9.99
C LEU A 203 35.95 -19.26 9.43
N GLU A 204 35.57 -18.49 8.42
CA GLU A 204 36.47 -17.53 7.79
C GLU A 204 36.99 -16.49 8.79
N TYR A 205 36.13 -16.06 9.71
CA TYR A 205 36.51 -15.03 10.67
C TYR A 205 36.84 -15.59 12.05
N GLU A 206 36.99 -16.91 12.12
CA GLU A 206 37.40 -17.60 13.34
C GLU A 206 36.52 -17.28 14.55
N ILE A 207 35.21 -17.20 14.33
CA ILE A 207 34.26 -16.99 15.42
C ILE A 207 33.18 -18.08 15.45
N GLU A 208 32.66 -18.35 16.63
CA GLU A 208 31.52 -19.26 16.76
C GLU A 208 30.22 -18.46 16.65
N PHE A 209 29.61 -18.47 15.48
CA PHE A 209 28.43 -17.65 15.24
C PHE A 209 27.14 -18.42 15.45
N LYS A 210 26.21 -17.78 16.15
CA LYS A 210 24.87 -18.31 16.37
C LYS A 210 23.86 -17.19 16.16
N ARG A 211 22.97 -17.34 15.17
CA ARG A 211 22.02 -16.30 14.83
C ARG A 211 21.04 -16.01 15.98
N ASP A 212 21.07 -14.78 16.47
CA ASP A 212 20.20 -14.36 17.56
C ASP A 212 19.99 -12.84 17.46
N HIS A 213 18.73 -12.41 17.55
CA HIS A 213 18.38 -11.00 17.40
C HIS A 213 18.66 -10.21 18.68
N LYS A 214 18.49 -10.85 19.82
CA LYS A 214 18.70 -10.20 21.11
C LYS A 214 20.19 -10.05 21.41
N SER A 215 21.01 -10.88 20.76
CA SER A 215 22.46 -10.87 20.97
C SER A 215 23.06 -9.50 20.69
N ALA A 216 24.00 -9.09 21.54
CA ALA A 216 24.56 -7.75 21.48
C ALA A 216 25.83 -7.69 20.62
N ASP A 217 26.30 -8.84 20.16
CA ASP A 217 27.51 -8.89 19.34
C ASP A 217 27.28 -8.21 18.00
N ASN A 218 28.34 -7.62 17.44
CA ASN A 218 28.24 -6.84 16.22
C ASN A 218 27.89 -7.66 14.98
N TYR A 219 28.16 -8.95 15.03
CA TYR A 219 27.86 -9.82 13.89
C TYR A 219 26.35 -9.96 13.71
N ASN A 220 25.65 -10.31 14.79
CA ASN A 220 24.19 -10.40 14.74
C ASN A 220 23.55 -9.03 14.58
N LYS A 221 24.17 -8.03 15.19
CA LYS A 221 23.68 -6.67 15.16
C LYS A 221 23.71 -6.07 13.76
N PHE A 222 24.83 -6.25 13.06
CA PHE A 222 24.95 -5.74 11.70
C PHE A 222 24.12 -6.56 10.71
N LEU A 223 23.90 -7.84 11.02
CA LEU A 223 23.01 -8.66 10.21
C LEU A 223 21.57 -8.14 10.30
N THR A 224 21.10 -7.91 11.52
CA THR A 224 19.76 -7.38 11.74
C THR A 224 19.59 -6.02 11.07
N LEU A 225 20.59 -5.15 11.23
CA LEU A 225 20.54 -3.81 10.66
C LEU A 225 20.57 -3.88 9.13
N GLY A 226 21.46 -4.70 8.59
CA GLY A 226 21.57 -4.88 7.16
C GLY A 226 20.31 -5.46 6.54
N ASN A 227 19.61 -6.33 7.29
CA ASN A 227 18.40 -6.94 6.78
C ASN A 227 17.26 -5.93 6.62
N TYR A 228 17.32 -4.82 7.36
CA TYR A 228 16.36 -3.73 7.17
C TYR A 228 16.56 -3.09 5.79
N TYR A 229 17.81 -3.01 5.37
CA TYR A 229 18.13 -2.46 4.06
C TYR A 229 17.66 -3.38 2.94
N ALA A 230 17.82 -4.69 3.15
CA ALA A 230 17.31 -5.67 2.20
C ALA A 230 15.79 -5.61 2.13
N TYR A 231 15.16 -5.51 3.30
CA TYR A 231 13.70 -5.35 3.38
C TYR A 231 13.25 -4.12 2.59
N GLY A 232 13.83 -2.97 2.92
CA GLY A 232 13.42 -1.70 2.34
C GLY A 232 13.52 -1.68 0.83
N ILE A 233 14.62 -2.21 0.30
CA ILE A 233 14.82 -2.21 -1.15
C ILE A 233 13.89 -3.23 -1.81
N ALA A 234 13.57 -4.31 -1.08
CA ALA A 234 12.65 -5.33 -1.59
C ALA A 234 11.20 -4.83 -1.63
N ARG A 235 10.75 -4.14 -0.58
CA ARG A 235 9.41 -3.54 -0.59
C ARG A 235 9.26 -2.54 -1.73
N SER A 236 10.33 -1.77 -1.95
CA SER A 236 10.34 -0.78 -3.00
C SER A 236 10.21 -1.42 -4.37
N SER A 237 10.93 -2.52 -4.59
CA SER A 237 10.85 -3.22 -5.87
C SER A 237 9.44 -3.74 -6.08
N LEU A 238 8.84 -4.29 -5.03
CA LEU A 238 7.47 -4.81 -5.10
C LEU A 238 6.46 -3.68 -5.33
N TRP A 239 6.65 -2.55 -4.66
CA TRP A 239 5.75 -1.42 -4.84
C TRP A 239 5.85 -0.84 -6.25
N ALA A 240 7.06 -0.79 -6.79
CA ALA A 240 7.28 -0.30 -8.14
C ALA A 240 6.47 -1.10 -9.17
N LEU A 241 6.36 -2.40 -8.95
CA LEU A 241 5.63 -3.27 -9.88
C LEU A 241 4.15 -3.41 -9.47
N GLY A 242 3.81 -2.89 -8.30
CA GLY A 242 2.45 -2.94 -7.81
C GLY A 242 2.00 -4.34 -7.39
N ILE A 243 2.96 -5.16 -6.97
CA ILE A 243 2.65 -6.52 -6.51
C ILE A 243 2.47 -6.53 -5.00
N ASP A 244 1.32 -7.03 -4.54
CA ASP A 244 0.97 -7.01 -3.13
C ASP A 244 1.83 -7.95 -2.29
N ASN A 245 2.22 -7.47 -1.10
CA ASN A 245 3.04 -8.22 -0.18
C ASN A 245 2.30 -9.45 0.37
N SER A 246 0.98 -9.46 0.22
CA SER A 246 0.14 -10.51 0.76
C SER A 246 0.10 -11.78 -0.09
N PHE A 247 0.92 -11.84 -1.14
CA PHE A 247 0.95 -13.01 -2.00
C PHE A 247 2.34 -13.68 -2.04
N PRO A 248 2.83 -14.16 -0.89
CA PRO A 248 4.18 -14.74 -0.86
C PRO A 248 4.25 -16.06 -1.62
N LEU A 249 5.45 -16.42 -2.09
CA LEU A 249 5.64 -17.69 -2.80
C LEU A 249 6.00 -18.79 -1.82
N LEU A 250 6.88 -18.47 -0.87
CA LEU A 250 7.26 -19.40 0.17
C LEU A 250 6.41 -19.20 1.41
N HIS A 251 5.51 -20.15 1.67
CA HIS A 251 4.66 -20.07 2.84
C HIS A 251 4.87 -21.28 3.74
N GLY A 252 4.08 -21.35 4.82
CA GLY A 252 4.24 -22.40 5.79
C GLY A 252 4.80 -21.85 7.08
N SER A 253 4.94 -22.72 8.09
CA SER A 253 5.44 -22.28 9.39
C SER A 253 6.76 -22.96 9.74
N THR A 254 7.75 -22.16 10.10
CA THR A 254 7.59 -20.71 10.13
C THR A 254 8.18 -20.06 8.90
N ARG A 255 7.41 -19.15 8.31
CA ARG A 255 7.81 -18.42 7.11
C ARG A 255 6.84 -17.26 6.94
N ARG A 256 6.84 -16.35 7.91
CA ARG A 256 5.90 -15.25 7.95
C ARG A 256 6.55 -13.93 7.55
N GLY A 257 5.76 -13.03 6.99
CA GLY A 257 6.23 -11.70 6.67
C GLY A 257 5.72 -11.21 5.33
N GLY A 258 5.33 -12.15 4.48
CA GLY A 258 4.84 -11.82 3.16
C GLY A 258 5.91 -11.95 2.08
N LEU A 259 5.53 -11.59 0.86
CA LEU A 259 6.38 -11.76 -0.32
C LEU A 259 7.72 -11.03 -0.20
N VAL A 260 7.74 -9.92 0.54
CA VAL A 260 8.94 -9.10 0.64
C VAL A 260 10.17 -9.90 1.10
N PHE A 261 9.95 -10.86 1.99
CA PHE A 261 11.07 -11.63 2.52
C PHE A 261 11.58 -12.66 1.53
N ASP A 262 10.73 -13.10 0.60
CA ASP A 262 11.19 -13.99 -0.47
C ASP A 262 12.12 -13.22 -1.41
N VAL A 263 11.82 -11.94 -1.60
CA VAL A 263 12.62 -11.08 -2.46
C VAL A 263 13.90 -10.64 -1.76
N ALA A 264 13.77 -10.22 -0.51
CA ALA A 264 14.92 -9.75 0.28
C ALA A 264 15.94 -10.86 0.51
N ASP A 265 15.47 -12.10 0.65
CA ASP A 265 16.35 -13.23 0.89
C ASP A 265 17.30 -13.50 -0.28
N ILE A 266 16.96 -12.99 -1.46
CA ILE A 266 17.82 -13.13 -2.63
C ILE A 266 19.20 -12.53 -2.36
N ILE A 267 19.23 -11.38 -1.70
CA ILE A 267 20.48 -10.68 -1.45
C ILE A 267 20.95 -10.76 0.01
N LYS A 268 20.20 -11.50 0.83
CA LYS A 268 20.54 -11.63 2.24
C LYS A 268 21.85 -12.40 2.44
N THR A 269 22.02 -13.49 1.70
CA THR A 269 23.23 -14.31 1.84
C THR A 269 24.36 -13.86 0.93
N SER A 270 24.03 -13.08 -0.09
CA SER A 270 25.02 -12.65 -1.08
C SER A 270 25.61 -11.28 -0.76
N ILE A 271 24.82 -10.41 -0.15
CA ILE A 271 25.24 -9.04 0.11
C ILE A 271 25.31 -8.71 1.60
N ILE A 272 24.19 -8.85 2.30
CA ILE A 272 24.13 -8.45 3.70
C ILE A 272 25.10 -9.24 4.59
N LEU A 273 25.07 -10.57 4.46
CA LEU A 273 25.91 -11.43 5.28
C LEU A 273 27.41 -11.11 5.15
N PRO A 274 27.96 -11.07 3.91
CA PRO A 274 29.38 -10.72 3.87
C PRO A 274 29.68 -9.29 4.31
N LEU A 275 28.79 -8.34 4.02
CA LEU A 275 29.01 -6.96 4.44
C LEU A 275 29.02 -6.83 5.97
N ALA A 276 28.07 -7.51 6.60
CA ALA A 276 27.93 -7.46 8.05
C ALA A 276 29.14 -8.08 8.78
N PHE A 277 29.56 -9.25 8.34
CA PHE A 277 30.66 -9.95 8.98
C PHE A 277 31.99 -9.21 8.79
N HIS A 278 32.14 -8.62 7.61
CA HIS A 278 33.32 -7.80 7.32
C HIS A 278 33.37 -6.59 8.25
N ALA A 279 32.24 -5.89 8.36
CA ALA A 279 32.15 -4.70 9.20
C ALA A 279 32.36 -5.04 10.68
N ALA A 280 31.70 -6.10 11.14
CA ALA A 280 31.79 -6.50 12.54
C ALA A 280 33.21 -6.90 12.92
N ASP A 281 33.91 -7.55 12.01
CA ASP A 281 35.26 -8.04 12.30
C ASP A 281 36.27 -6.90 12.36
N GLN A 282 35.99 -5.81 11.65
CA GLN A 282 36.87 -4.65 11.63
C GLN A 282 36.55 -3.64 12.73
N GLY A 283 35.49 -3.89 13.49
CA GLY A 283 35.06 -2.95 14.51
C GLY A 283 34.46 -1.70 13.90
N MET A 284 33.83 -1.87 12.74
CA MET A 284 33.22 -0.78 12.02
C MET A 284 32.03 -0.19 12.80
N SER A 285 31.81 1.11 12.66
CA SER A 285 30.67 1.75 13.31
C SER A 285 29.39 1.50 12.53
N ASN A 286 28.24 1.75 13.17
CA ASN A 286 26.96 1.61 12.49
C ASN A 286 26.88 2.50 11.26
N THR A 287 27.30 3.76 11.43
CA THR A 287 27.30 4.72 10.34
C THR A 287 28.07 4.19 9.13
N GLU A 288 29.29 3.73 9.37
CA GLU A 288 30.13 3.21 8.30
C GLU A 288 29.55 1.95 7.67
N PHE A 289 28.96 1.08 8.49
CA PHE A 289 28.37 -0.15 7.96
C PHE A 289 27.17 0.14 7.05
N LYS A 290 26.29 1.02 7.50
CA LYS A 290 25.11 1.39 6.72
C LYS A 290 25.52 2.00 5.39
N ARG A 291 26.60 2.77 5.40
CA ARG A 291 27.11 3.40 4.19
C ARG A 291 27.62 2.35 3.20
N SER A 292 28.23 1.28 3.71
CA SER A 292 28.73 0.21 2.84
C SER A 292 27.58 -0.50 2.13
N CYS A 293 26.44 -0.61 2.81
CA CYS A 293 25.26 -1.23 2.21
C CYS A 293 24.70 -0.38 1.07
N VAL A 294 24.52 0.91 1.35
CA VAL A 294 24.01 1.84 0.36
C VAL A 294 24.96 1.92 -0.84
N ALA A 295 26.25 2.01 -0.57
CA ALA A 295 27.26 2.08 -1.62
C ALA A 295 27.24 0.84 -2.50
N TYR A 296 27.04 -0.33 -1.90
CA TYR A 296 27.03 -1.57 -2.68
C TYR A 296 25.77 -1.66 -3.54
N PHE A 297 24.64 -1.27 -2.98
CA PHE A 297 23.37 -1.25 -3.71
C PHE A 297 23.46 -0.35 -4.94
N ASP A 298 24.14 0.80 -4.79
CA ASP A 298 24.30 1.76 -5.86
C ASP A 298 25.27 1.25 -6.93
N LYS A 299 26.42 0.75 -6.48
CA LYS A 299 27.47 0.28 -7.38
C LYS A 299 26.99 -0.89 -8.25
N ASN A 300 26.15 -1.75 -7.68
CA ASN A 300 25.71 -2.95 -8.38
C ASN A 300 24.25 -2.89 -8.86
N ASP A 301 23.61 -1.73 -8.69
CA ASP A 301 22.23 -1.51 -9.14
C ASP A 301 21.27 -2.60 -8.67
N ILE A 302 21.31 -2.89 -7.37
CA ILE A 302 20.55 -3.99 -6.79
C ILE A 302 19.03 -3.81 -6.93
N LEU A 303 18.55 -2.58 -6.79
CA LEU A 303 17.11 -2.33 -6.91
C LEU A 303 16.61 -2.68 -8.31
N ALA A 304 17.34 -2.24 -9.33
CA ALA A 304 17.01 -2.61 -10.71
C ALA A 304 17.11 -4.13 -10.90
N TYR A 305 18.05 -4.76 -10.21
CA TYR A 305 18.26 -6.20 -10.29
C TYR A 305 17.03 -6.95 -9.77
N LEU A 306 16.55 -6.55 -8.59
CA LEU A 306 15.38 -7.17 -7.97
C LEU A 306 14.12 -6.97 -8.82
N ILE A 307 13.91 -5.75 -9.28
CA ILE A 307 12.74 -5.44 -10.11
C ILE A 307 12.69 -6.30 -11.38
N ASN A 308 13.81 -6.37 -12.10
CA ASN A 308 13.87 -7.14 -13.33
CA ASN A 308 13.88 -7.14 -13.33
C ASN A 308 13.63 -8.63 -13.10
N ASN A 309 14.15 -9.16 -12.00
CA ASN A 309 13.97 -10.58 -11.69
C ASN A 309 12.53 -10.91 -11.28
N ILE A 310 11.91 -10.02 -10.52
CA ILE A 310 10.51 -10.21 -10.13
C ILE A 310 9.60 -10.14 -11.36
N LYS A 311 9.86 -9.17 -12.23
CA LYS A 311 9.06 -8.98 -13.44
C LYS A 311 9.11 -10.21 -14.34
N ARG A 312 10.26 -10.87 -14.39
CA ARG A 312 10.43 -12.05 -15.22
C ARG A 312 9.71 -13.26 -14.62
N LEU A 313 9.68 -13.36 -13.30
CA LEU A 313 8.85 -14.34 -12.63
C LEU A 313 7.41 -14.16 -13.05
N CYS A 314 7.05 -12.91 -13.24
CA CYS A 314 5.67 -12.49 -13.41
C CYS A 314 5.14 -12.69 -14.83
N MET A 315 6.00 -12.56 -15.84
CA MET A 315 5.53 -12.51 -17.23
C MET A 315 5.74 -13.81 -18.03
N GLU A 316 6.86 -14.49 -17.83
CA GLU A 316 7.25 -15.62 -18.67
C GLU A 316 6.39 -16.89 -18.44
N ASN A 317 5.07 -16.72 -18.49
CA ASN A 317 4.13 -17.84 -18.43
C ASN A 317 3.09 -17.79 -19.53
N GLN B 20 -13.50 22.17 21.13
CA GLN B 20 -12.30 21.36 21.41
C GLN B 20 -12.45 19.97 20.81
N GLY B 21 -12.09 19.85 19.53
CA GLY B 21 -12.28 18.61 18.78
C GLY B 21 -11.41 17.48 19.34
N MET B 22 -12.00 16.29 19.45
CA MET B 22 -11.25 15.12 19.91
C MET B 22 -10.94 14.18 18.75
N GLN B 23 -11.95 13.86 17.96
CA GLN B 23 -11.86 12.88 16.89
C GLN B 23 -13.08 12.93 15.99
N LYS B 24 -12.96 12.39 14.78
CA LYS B 24 -14.14 12.16 13.95
C LYS B 24 -14.29 10.68 13.67
N GLN B 25 -15.45 10.13 14.03
CA GLN B 25 -15.72 8.71 13.84
C GLN B 25 -16.46 8.44 12.53
N ILE B 26 -15.98 7.45 11.79
CA ILE B 26 -16.59 7.05 10.53
C ILE B 26 -17.04 5.59 10.56
N LEU B 27 -18.25 5.34 10.10
CA LEU B 27 -18.75 3.97 10.00
C LEU B 27 -18.09 3.25 8.82
N THR B 28 -17.49 2.10 9.09
CA THR B 28 -16.84 1.32 8.04
C THR B 28 -17.76 0.23 7.51
N SER B 29 -18.20 -0.66 8.39
CA SER B 29 -19.10 -1.74 8.00
C SER B 29 -20.24 -1.91 8.99
N GLN B 30 -19.93 -2.49 10.15
CA GLN B 30 -20.93 -2.68 11.20
C GLN B 30 -20.61 -1.81 12.41
N LYS B 31 -19.35 -1.39 12.52
CA LYS B 31 -18.91 -0.57 13.65
C LYS B 31 -18.25 0.72 13.16
N ARG B 32 -18.38 1.78 13.94
CA ARG B 32 -17.72 3.04 13.61
C ARG B 32 -16.30 3.04 14.16
N ASN B 33 -15.49 2.12 13.65
CA ASN B 33 -14.15 1.85 14.18
C ASN B 33 -13.03 2.53 13.40
N MET B 34 -13.40 3.55 12.63
CA MET B 34 -12.39 4.38 11.97
C MET B 34 -12.39 5.77 12.61
N TYR B 35 -11.25 6.13 13.20
CA TYR B 35 -11.08 7.44 13.82
C TYR B 35 -10.16 8.34 13.01
N ILE B 36 -10.62 9.55 12.73
CA ILE B 36 -9.73 10.54 12.11
C ILE B 36 -9.25 11.53 13.16
N LEU B 37 -7.93 11.67 13.27
CA LEU B 37 -7.33 12.60 14.21
C LEU B 37 -6.68 13.76 13.46
N SER B 38 -6.77 14.95 14.05
CA SER B 38 -6.27 16.18 13.43
C SER B 38 -5.59 17.07 14.46
N ARG B 39 -4.54 17.76 14.03
CA ARG B 39 -3.89 18.80 14.84
C ARG B 39 -3.47 18.27 16.21
N CYS B 40 -2.72 17.18 16.22
CA CYS B 40 -2.29 16.57 17.48
C CYS B 40 -1.04 15.71 17.30
N LYS B 41 -0.39 15.42 18.43
CA LYS B 41 0.73 14.50 18.46
C LYS B 41 0.28 13.18 19.06
N VAL B 42 0.44 12.10 18.30
CA VAL B 42 0.14 10.77 18.80
C VAL B 42 1.38 10.19 19.47
N LEU B 43 1.24 9.85 20.74
CA LEU B 43 2.39 9.42 21.53
C LEU B 43 1.97 8.45 22.62
N VAL B 44 2.97 7.93 23.34
CA VAL B 44 2.70 7.07 24.49
C VAL B 44 2.86 7.87 25.78
N LYS B 45 1.80 7.90 26.58
CA LYS B 45 1.84 8.53 27.89
C LYS B 45 1.20 7.61 28.91
N ASN B 46 1.91 7.39 30.01
CA ASN B 46 1.46 6.48 31.07
C ASN B 46 1.16 5.07 30.55
N GLY B 47 2.01 4.59 29.65
CA GLY B 47 1.90 3.25 29.11
C GLY B 47 0.69 3.05 28.21
N GLN B 48 0.21 4.15 27.63
CA GLN B 48 -0.99 4.10 26.80
C GLN B 48 -0.87 5.08 25.63
N VAL B 49 -1.39 4.69 24.46
CA VAL B 49 -1.37 5.58 23.31
C VAL B 49 -2.35 6.72 23.52
N CYS B 50 -1.86 7.94 23.33
CA CYS B 50 -2.67 9.14 23.48
C CYS B 50 -2.40 10.12 22.33
N HIS B 51 -3.29 11.10 22.17
CA HIS B 51 -3.01 12.20 21.25
C HIS B 51 -3.14 13.54 21.95
N LEU B 52 -2.03 14.27 21.96
CA LEU B 52 -1.95 15.59 22.59
C LEU B 52 -2.26 16.68 21.59
N HIS B 53 -3.30 17.45 21.86
CA HIS B 53 -3.76 18.48 20.95
C HIS B 53 -3.12 19.84 21.24
N GLU B 54 -3.22 20.74 20.29
CA GLU B 54 -2.58 22.06 20.38
C GLU B 54 -3.12 22.88 21.53
N ASP B 55 -4.37 22.63 21.92
CA ASP B 55 -5.00 23.36 23.00
C ASP B 55 -4.49 22.90 24.37
N GLY B 56 -3.83 21.75 24.39
CA GLY B 56 -3.27 21.22 25.62
C GLY B 56 -3.96 19.96 26.11
N ASN B 57 -5.09 19.62 25.49
CA ASN B 57 -5.84 18.43 25.87
C ASN B 57 -5.19 17.15 25.39
N VAL B 58 -5.17 16.14 26.26
CA VAL B 58 -4.64 14.83 25.89
C VAL B 58 -5.73 13.76 26.03
N TYR B 59 -5.93 12.99 24.98
CA TYR B 59 -6.99 11.99 24.95
C TYR B 59 -6.43 10.59 24.72
N THR B 60 -6.95 9.60 25.45
CA THR B 60 -6.50 8.23 25.31
C THR B 60 -7.18 7.54 24.12
N VAL B 61 -6.46 6.62 23.48
CA VAL B 61 -7.00 5.83 22.38
C VAL B 61 -7.61 4.53 22.90
N PRO B 62 -8.91 4.31 22.60
CA PRO B 62 -9.60 3.08 23.01
C PRO B 62 -9.27 1.90 22.08
N TYR B 63 -8.36 1.04 22.52
CA TYR B 63 -7.90 -0.09 21.70
C TYR B 63 -9.04 -0.99 21.24
N ALA B 64 -9.94 -1.31 22.15
CA ALA B 64 -11.03 -2.26 21.86
C ALA B 64 -11.99 -1.76 20.79
N ASN B 65 -12.20 -0.44 20.74
CA ASN B 65 -13.17 0.12 19.80
C ASN B 65 -12.51 0.69 18.55
N THR B 66 -11.20 0.59 18.46
CA THR B 66 -10.47 1.17 17.34
C THR B 66 -9.85 0.11 16.44
N VAL B 67 -10.11 0.23 15.13
CA VAL B 67 -9.48 -0.65 14.15
C VAL B 67 -8.62 0.19 13.21
N PHE B 68 -9.16 1.31 12.73
CA PHE B 68 -8.42 2.21 11.86
C PHE B 68 -8.23 3.58 12.48
N ILE B 69 -7.01 4.09 12.42
CA ILE B 69 -6.76 5.48 12.81
C ILE B 69 -6.21 6.25 11.62
N GLY B 70 -6.93 7.30 11.22
CA GLY B 70 -6.49 8.16 10.14
C GLY B 70 -5.84 9.42 10.66
N LEU B 71 -4.57 9.62 10.31
CA LEU B 71 -3.84 10.81 10.70
C LEU B 71 -3.97 11.88 9.62
N ALA B 72 -4.67 12.97 9.94
CA ALA B 72 -4.94 14.00 8.96
C ALA B 72 -3.98 15.19 9.14
N GLU B 73 -4.48 16.40 8.90
CA GLU B 73 -3.60 17.57 8.86
C GLU B 73 -3.06 17.93 10.24
N GLY B 74 -1.81 18.37 10.27
CA GLY B 74 -1.17 18.80 11.51
C GLY B 74 -0.95 17.69 12.52
N THR B 75 -0.78 16.46 12.03
CA THR B 75 -0.55 15.32 12.91
C THR B 75 0.89 14.82 12.87
N SER B 76 1.24 14.03 13.88
CA SER B 76 2.53 13.35 13.95
C SER B 76 2.38 12.16 14.87
N ILE B 77 3.35 11.23 14.83
CA ILE B 77 3.28 10.05 15.67
C ILE B 77 4.69 9.56 16.01
N THR B 78 4.88 9.08 17.23
CA THR B 78 6.19 8.56 17.64
C THR B 78 6.30 7.07 17.32
N ASN B 79 7.52 6.54 17.37
CA ASN B 79 7.74 5.14 17.09
C ASN B 79 7.13 4.25 18.18
N GLU B 80 7.11 4.75 19.42
CA GLU B 80 6.49 4.03 20.52
C GLU B 80 4.99 3.87 20.35
N ALA B 81 4.33 4.96 19.92
CA ALA B 81 2.89 4.91 19.70
C ALA B 81 2.55 3.98 18.54
N MET B 82 3.32 4.07 17.47
CA MET B 82 3.10 3.22 16.29
C MET B 82 3.23 1.75 16.69
N SER B 83 4.25 1.47 17.47
CA SER B 83 4.52 0.12 17.96
C SER B 83 3.41 -0.39 18.88
N MET B 84 2.94 0.47 19.78
CA MET B 84 1.91 0.06 20.74
C MET B 84 0.55 -0.09 20.06
N LEU B 85 0.29 0.73 19.06
CA LEU B 85 -0.97 0.62 18.31
C LEU B 85 -1.05 -0.69 17.56
N ALA B 86 0.05 -1.10 16.94
CA ALA B 86 0.12 -2.34 16.19
C ALA B 86 -0.08 -3.54 17.12
N ALA B 87 0.47 -3.44 18.32
CA ALA B 87 0.35 -4.49 19.31
C ALA B 87 -1.11 -4.69 19.72
N ASN B 88 -1.91 -3.65 19.59
CA ASN B 88 -3.33 -3.72 19.92
C ASN B 88 -4.22 -3.87 18.69
N GLY B 89 -3.60 -4.22 17.56
CA GLY B 89 -4.34 -4.49 16.33
C GLY B 89 -4.94 -3.25 15.69
N VAL B 90 -4.27 -2.12 15.85
CA VAL B 90 -4.76 -0.87 15.26
C VAL B 90 -3.95 -0.50 14.02
N ILE B 91 -4.65 -0.32 12.90
CA ILE B 91 -4.03 0.05 11.64
C ILE B 91 -4.04 1.56 11.45
N VAL B 92 -2.89 2.11 11.06
CA VAL B 92 -2.74 3.54 10.85
C VAL B 92 -2.66 3.90 9.37
N PHE B 93 -3.39 4.93 8.97
CA PHE B 93 -3.21 5.49 7.62
C PHE B 93 -3.08 7.01 7.67
N TRP B 94 -2.47 7.58 6.63
CA TRP B 94 -2.29 9.02 6.54
C TRP B 94 -3.21 9.58 5.45
N THR B 95 -3.88 10.68 5.75
CA THR B 95 -4.88 11.24 4.86
C THR B 95 -4.86 12.76 4.88
N LYS B 96 -5.38 13.38 3.83
CA LYS B 96 -5.59 14.82 3.83
C LYS B 96 -6.81 15.15 4.69
N GLY B 97 -7.05 16.44 4.89
CA GLY B 97 -8.19 16.90 5.68
C GLY B 97 -9.51 16.31 5.22
N GLY B 98 -10.37 15.98 6.18
CA GLY B 98 -11.64 15.36 5.87
C GLY B 98 -11.62 13.87 6.15
N GLY B 99 -10.47 13.23 5.91
CA GLY B 99 -10.28 11.84 6.26
C GLY B 99 -10.57 10.86 5.14
N TYR B 100 -10.96 11.37 3.97
CA TYR B 100 -11.30 10.52 2.84
C TYR B 100 -10.32 10.69 1.67
N ASP B 101 -9.07 11.03 1.97
CA ASP B 101 -8.06 11.19 0.93
C ASP B 101 -6.73 10.62 1.40
N MET B 102 -6.67 9.29 1.47
CA MET B 102 -5.51 8.57 1.99
C MET B 102 -4.35 8.56 1.00
N PHE B 103 -3.15 8.90 1.47
CA PHE B 103 -1.97 8.89 0.60
C PHE B 103 -0.86 7.94 1.06
N ALA B 104 -0.99 7.39 2.27
CA ALA B 104 0.01 6.44 2.75
C ALA B 104 -0.56 5.48 3.79
N ALA B 105 -0.30 4.19 3.58
CA ALA B 105 -0.79 3.13 4.48
C ALA B 105 -0.18 1.79 4.08
N ASP B 106 -0.27 0.81 4.98
CA ASP B 106 0.12 -0.56 4.64
C ASP B 106 -1.07 -1.26 3.99
N ILE B 107 -0.81 -2.40 3.37
CA ILE B 107 -1.87 -3.24 2.85
C ILE B 107 -2.57 -3.95 4.02
N ILE B 108 -3.88 -4.10 3.92
CA ILE B 108 -4.62 -4.82 4.95
C ILE B 108 -4.73 -6.30 4.59
N CYS B 109 -4.24 -7.15 5.47
CA CYS B 109 -4.26 -8.59 5.23
C CYS B 109 -5.40 -9.27 5.99
N HIS B 110 -5.36 -10.60 6.03
CA HIS B 110 -6.41 -11.40 6.66
C HIS B 110 -6.58 -11.03 8.12
N LEU B 111 -5.53 -11.27 8.90
CA LEU B 111 -5.50 -10.81 10.29
C LEU B 111 -4.24 -9.95 10.45
N PRO B 112 -4.26 -9.01 11.41
CA PRO B 112 -3.26 -7.93 11.39
C PRO B 112 -1.80 -8.31 11.69
N GLN B 113 -1.51 -9.52 12.17
CA GLN B 113 -0.15 -9.84 12.59
C GLN B 113 0.38 -11.24 12.21
N ALA B 114 -0.30 -12.27 12.70
CA ALA B 114 0.22 -13.64 12.68
C ALA B 114 0.27 -14.34 11.32
N ASP B 115 -0.32 -13.74 10.29
CA ASP B 115 -0.27 -14.37 8.96
C ASP B 115 -0.35 -13.31 7.85
N TYR B 116 0.31 -13.61 6.73
CA TYR B 116 0.22 -12.76 5.55
C TYR B 116 -0.44 -13.50 4.39
N ARG B 117 -1.74 -13.29 4.28
CA ARG B 117 -2.55 -13.81 3.20
C ARG B 117 -3.52 -12.70 2.84
N PRO B 118 -4.01 -12.68 1.59
CA PRO B 118 -5.00 -11.65 1.24
C PRO B 118 -6.29 -11.82 2.04
N THR B 119 -7.03 -10.74 2.22
CA THR B 119 -8.34 -10.82 2.88
C THR B 119 -9.26 -11.74 2.10
N LYS B 120 -10.31 -12.22 2.76
CA LYS B 120 -11.30 -13.05 2.10
C LYS B 120 -12.00 -12.26 1.00
N TYR B 121 -12.06 -10.94 1.17
CA TYR B 121 -12.68 -10.07 0.18
C TYR B 121 -11.83 -10.00 -1.09
N MET B 122 -10.52 -9.87 -0.90
CA MET B 122 -9.60 -9.83 -2.03
C MET B 122 -9.58 -11.18 -2.76
N GLN B 123 -9.58 -12.27 -1.99
CA GLN B 123 -9.59 -13.60 -2.56
C GLN B 123 -10.84 -13.83 -3.40
N ASN B 124 -11.99 -13.46 -2.85
CA ASN B 124 -13.25 -13.59 -3.57
C ASN B 124 -13.34 -12.64 -4.76
N TRP B 125 -12.73 -11.47 -4.65
CA TRP B 125 -12.76 -10.51 -5.74
C TRP B 125 -11.94 -11.02 -6.91
N VAL B 126 -10.81 -11.63 -6.59
CA VAL B 126 -9.93 -12.22 -7.59
C VAL B 126 -10.63 -13.33 -8.39
N ARG B 127 -11.29 -14.24 -7.69
CA ARG B 127 -12.04 -15.33 -8.34
CA ARG B 127 -12.03 -15.32 -8.35
C ARG B 127 -13.09 -14.75 -9.29
N LEU B 128 -13.78 -13.73 -8.82
CA LEU B 128 -14.82 -13.05 -9.58
C LEU B 128 -14.25 -12.43 -10.86
N TRP B 129 -13.07 -11.82 -10.73
CA TRP B 129 -12.44 -11.08 -11.82
C TRP B 129 -11.91 -11.99 -12.92
N LEU B 130 -11.46 -13.19 -12.54
CA LEU B 130 -10.89 -14.15 -13.48
C LEU B 130 -11.97 -14.87 -14.28
N ASP B 131 -13.17 -14.91 -13.73
CA ASP B 131 -14.30 -15.54 -14.41
C ASP B 131 -15.09 -14.47 -15.17
N GLU B 132 -15.01 -14.53 -16.50
CA GLU B 132 -15.63 -13.51 -17.35
C GLU B 132 -17.15 -13.47 -17.22
N GLU B 133 -17.76 -14.61 -16.95
CA GLU B 133 -19.22 -14.66 -16.82
C GLU B 133 -19.66 -14.06 -15.48
N LYS B 134 -18.82 -14.22 -14.46
CA LYS B 134 -19.11 -13.65 -13.15
C LYS B 134 -18.72 -12.18 -13.10
N LYS B 135 -17.70 -11.84 -13.89
CA LYS B 135 -17.24 -10.46 -13.99
C LYS B 135 -18.32 -9.60 -14.64
N LEU B 136 -18.97 -10.14 -15.66
CA LEU B 136 -20.05 -9.43 -16.34
C LEU B 136 -21.25 -9.27 -15.42
N SER B 137 -21.57 -10.31 -14.68
CA SER B 137 -22.66 -10.27 -13.71
C SER B 137 -22.38 -9.22 -12.63
N ALA B 138 -21.12 -9.12 -12.22
CA ALA B 138 -20.72 -8.14 -11.22
C ALA B 138 -20.78 -6.73 -11.80
N ALA B 139 -20.41 -6.59 -13.07
CA ALA B 139 -20.43 -5.31 -13.75
C ALA B 139 -21.86 -4.77 -13.87
N LYS B 140 -22.81 -5.67 -14.13
CA LYS B 140 -24.21 -5.27 -14.22
C LYS B 140 -24.74 -4.79 -12.87
N GLU B 141 -24.30 -5.46 -11.80
CA GLU B 141 -24.80 -5.16 -10.47
C GLU B 141 -24.25 -3.82 -9.93
N ILE B 142 -23.01 -3.49 -10.29
CA ILE B 142 -22.42 -2.23 -9.81
C ILE B 142 -23.03 -1.05 -10.56
N LEU B 143 -23.57 -1.32 -11.75
CA LEU B 143 -24.28 -0.29 -12.50
C LEU B 143 -25.66 -0.05 -11.90
N LYS B 144 -26.28 -1.12 -11.40
CA LYS B 144 -27.59 -1.01 -10.77
C LYS B 144 -27.47 -0.35 -9.39
N MET B 145 -26.30 -0.47 -8.77
CA MET B 145 -26.03 0.19 -7.50
C MET B 145 -26.05 1.71 -7.68
N ARG B 146 -25.61 2.15 -8.86
CA ARG B 146 -25.65 3.56 -9.24
C ARG B 146 -27.08 4.08 -9.22
N VAL B 147 -28.02 3.22 -9.61
CA VAL B 147 -29.44 3.58 -9.62
C VAL B 147 -29.99 3.63 -8.20
N ASP B 148 -29.59 2.67 -7.38
CA ASP B 148 -30.03 2.61 -5.99
C ASP B 148 -29.53 3.81 -5.19
N SER B 149 -28.33 4.28 -5.52
CA SER B 149 -27.75 5.44 -4.85
C SER B 149 -28.51 6.71 -5.24
N LEU B 150 -28.98 6.74 -6.49
CA LEU B 150 -29.71 7.90 -7.01
C LEU B 150 -31.01 8.16 -6.26
N SER B 151 -31.65 7.09 -5.79
CA SER B 151 -32.93 7.22 -5.10
C SER B 151 -32.76 7.29 -3.59
N THR B 152 -31.64 6.79 -3.09
CA THR B 152 -31.37 6.80 -1.65
C THR B 152 -30.74 8.11 -1.20
N HIS B 153 -29.76 8.59 -1.96
CA HIS B 153 -29.03 9.79 -1.59
C HIS B 153 -29.60 11.03 -2.29
N VAL B 154 -30.68 11.55 -1.72
CA VAL B 154 -31.38 12.69 -2.30
C VAL B 154 -30.88 14.00 -1.72
N HIS B 155 -31.42 15.11 -2.21
CA HIS B 155 -30.98 16.43 -1.78
C HIS B 155 -32.17 17.39 -1.66
N ASP B 156 -32.01 18.41 -0.82
CA ASP B 156 -33.06 19.40 -0.59
C ASP B 156 -33.02 20.53 -1.62
N PHE B 157 -32.53 20.23 -2.81
CA PHE B 157 -32.32 21.24 -3.84
C PHE B 157 -32.10 20.61 -5.21
N GLY B 158 -32.19 21.43 -6.25
CA GLY B 158 -31.88 21.00 -7.60
C GLY B 158 -32.90 20.05 -8.21
N VAL B 159 -32.39 19.02 -8.87
CA VAL B 159 -33.24 18.08 -9.60
C VAL B 159 -34.03 17.15 -8.66
N ASP B 160 -35.34 17.08 -8.88
CA ASP B 160 -36.16 16.06 -8.24
C ASP B 160 -36.00 14.76 -9.01
N VAL B 161 -35.29 13.79 -8.44
CA VAL B 161 -34.97 12.55 -9.14
C VAL B 161 -36.18 11.65 -9.35
N GLU B 162 -37.34 12.06 -8.84
CA GLU B 162 -38.53 11.22 -8.92
C GLU B 162 -39.55 11.76 -9.91
N ASN B 163 -39.14 12.75 -10.71
CA ASN B 163 -40.02 13.26 -11.76
C ASN B 163 -40.06 12.29 -12.94
N LYS B 164 -40.84 12.62 -13.97
CA LYS B 164 -41.02 11.73 -15.09
C LYS B 164 -39.78 11.63 -15.98
N ARG B 165 -39.12 12.75 -16.20
CA ARG B 165 -37.97 12.80 -17.11
C ARG B 165 -36.81 11.95 -16.60
N VAL B 166 -36.49 12.08 -15.31
CA VAL B 166 -35.42 11.29 -14.71
C VAL B 166 -35.81 9.81 -14.67
N SER B 167 -37.08 9.54 -14.38
CA SER B 167 -37.59 8.17 -14.33
C SER B 167 -37.43 7.46 -15.67
N SER B 168 -37.58 8.22 -16.75
CA SER B 168 -37.42 7.67 -18.10
C SER B 168 -35.95 7.35 -18.38
N ILE B 169 -35.06 8.14 -17.80
CA ILE B 169 -33.63 7.92 -17.97
C ILE B 169 -33.17 6.67 -17.22
N VAL B 170 -33.72 6.47 -16.03
CA VAL B 170 -33.39 5.31 -15.21
C VAL B 170 -33.95 4.03 -15.84
N ASN B 171 -35.21 4.06 -16.26
CA ASN B 171 -35.84 2.89 -16.88
C ASN B 171 -35.11 2.46 -18.14
N LYS B 172 -34.67 3.44 -18.93
CA LYS B 172 -33.91 3.17 -20.15
C LYS B 172 -32.57 2.53 -19.81
N PHE B 173 -31.91 3.04 -18.78
CA PHE B 173 -30.63 2.52 -18.33
C PHE B 173 -30.77 1.11 -17.77
N ASP B 174 -31.80 0.90 -16.95
CA ASP B 174 -32.02 -0.39 -16.32
C ASP B 174 -32.35 -1.47 -17.36
N LYS B 175 -33.11 -1.10 -18.38
CA LYS B 175 -33.47 -2.02 -19.44
C LYS B 175 -32.24 -2.43 -20.26
N GLY B 176 -31.37 -1.46 -20.54
CA GLY B 176 -30.17 -1.71 -21.31
C GLY B 176 -29.19 -2.63 -20.59
N VAL B 177 -29.01 -2.39 -19.30
CA VAL B 177 -28.10 -3.20 -18.49
C VAL B 177 -28.56 -4.64 -18.42
N THR B 178 -29.87 -4.84 -18.29
CA THR B 178 -30.46 -6.16 -18.21
C THR B 178 -30.28 -6.94 -19.52
N GLN B 179 -30.53 -6.27 -20.64
CA GLN B 179 -30.47 -6.92 -21.94
C GLN B 179 -29.05 -7.08 -22.48
N ALA B 180 -28.11 -6.34 -21.90
CA ALA B 180 -26.73 -6.35 -22.40
C ALA B 180 -26.08 -7.72 -22.24
N THR B 181 -25.28 -8.10 -23.22
CA THR B 181 -24.60 -9.40 -23.20
C THR B 181 -23.08 -9.24 -23.21
N SER B 182 -22.60 -7.99 -23.28
CA SER B 182 -21.18 -7.72 -23.33
C SER B 182 -20.80 -6.49 -22.52
N PHE B 183 -19.52 -6.36 -22.18
CA PHE B 183 -19.03 -5.19 -21.47
C PHE B 183 -19.17 -3.95 -22.34
N GLU B 184 -18.99 -4.13 -23.65
CA GLU B 184 -19.10 -3.04 -24.61
C GLU B 184 -20.48 -2.41 -24.57
N SER B 185 -21.50 -3.24 -24.57
CA SER B 185 -22.88 -2.76 -24.51
C SER B 185 -23.15 -2.02 -23.20
N LEU B 186 -22.55 -2.50 -22.12
CA LEU B 186 -22.72 -1.88 -20.81
C LEU B 186 -22.14 -0.47 -20.77
N LEU B 187 -20.98 -0.30 -21.40
CA LEU B 187 -20.33 1.00 -21.47
C LEU B 187 -21.16 1.98 -22.31
N GLY B 188 -21.90 1.44 -23.27
CA GLY B 188 -22.75 2.26 -24.12
C GLY B 188 -23.90 2.88 -23.35
N HIS B 189 -24.60 2.05 -22.59
CA HIS B 189 -25.74 2.52 -21.80
C HIS B 189 -25.27 3.41 -20.65
N GLU B 190 -24.09 3.13 -20.14
CA GLU B 190 -23.50 3.91 -19.06
C GLU B 190 -23.31 5.36 -19.49
N GLY B 191 -22.75 5.55 -20.68
CA GLY B 191 -22.51 6.88 -21.19
C GLY B 191 -23.79 7.66 -21.40
N THR B 192 -24.77 7.00 -22.01
CA THR B 192 -26.07 7.60 -22.29
C THR B 192 -26.77 8.04 -20.99
N PHE B 193 -26.61 7.23 -19.95
CA PHE B 193 -27.22 7.51 -18.66
C PHE B 193 -26.64 8.78 -18.01
N VAL B 194 -25.31 8.89 -18.05
CA VAL B 194 -24.63 10.01 -17.41
C VAL B 194 -24.92 11.34 -18.12
N LYS B 195 -24.75 11.37 -19.44
CA LYS B 195 -24.94 12.60 -20.19
C LYS B 195 -26.39 13.07 -20.21
N SER B 196 -27.31 12.13 -20.05
CA SER B 196 -28.73 12.47 -19.93
C SER B 196 -28.99 13.17 -18.60
N LEU B 197 -28.23 12.78 -17.58
CA LEU B 197 -28.34 13.43 -16.27
C LEU B 197 -27.69 14.82 -16.31
N TYR B 198 -26.62 14.97 -17.08
CA TYR B 198 -26.02 16.27 -17.31
C TYR B 198 -27.03 17.22 -17.91
N LYS B 199 -27.76 16.72 -18.91
CA LYS B 199 -28.76 17.50 -19.62
C LYS B 199 -29.90 17.94 -18.70
N GLU B 200 -30.29 17.06 -17.78
CA GLU B 200 -31.38 17.36 -16.86
C GLU B 200 -30.99 18.43 -15.85
N TYR B 201 -29.77 18.33 -15.32
CA TYR B 201 -29.29 19.30 -14.35
C TYR B 201 -29.04 20.66 -15.00
N ALA B 202 -28.60 20.64 -16.26
CA ALA B 202 -28.42 21.87 -17.02
C ALA B 202 -29.78 22.53 -17.26
N LEU B 203 -30.79 21.71 -17.48
CA LEU B 203 -32.15 22.19 -17.69
C LEU B 203 -32.73 22.74 -16.39
N GLU B 204 -32.39 22.09 -15.28
CA GLU B 204 -32.91 22.48 -13.97
C GLU B 204 -32.34 23.83 -13.52
N TYR B 205 -31.05 24.04 -13.76
CA TYR B 205 -30.39 25.28 -13.36
C TYR B 205 -30.42 26.30 -14.49
N GLU B 206 -31.12 25.95 -15.57
CA GLU B 206 -31.30 26.84 -16.72
C GLU B 206 -29.98 27.36 -17.29
N ILE B 207 -29.07 26.44 -17.59
CA ILE B 207 -27.79 26.80 -18.18
C ILE B 207 -27.46 25.92 -19.37
N GLU B 208 -26.59 26.42 -20.25
CA GLU B 208 -26.03 25.59 -21.31
C GLU B 208 -24.78 24.89 -20.78
N PHE B 209 -24.79 23.57 -20.78
CA PHE B 209 -23.70 22.81 -20.20
C PHE B 209 -23.21 21.67 -21.08
N LYS B 210 -21.95 21.74 -21.47
CA LYS B 210 -21.29 20.63 -22.15
C LYS B 210 -20.12 20.14 -21.27
N ARG B 211 -20.17 18.87 -20.84
CA ARG B 211 -19.15 18.34 -19.92
C ARG B 211 -17.76 18.43 -20.53
N ASP B 212 -16.81 18.96 -19.76
CA ASP B 212 -15.53 19.33 -20.33
C ASP B 212 -14.50 19.75 -19.30
N HIS B 213 -13.42 18.99 -19.23
CA HIS B 213 -12.34 19.26 -18.28
C HIS B 213 -11.60 20.55 -18.61
N LYS B 214 -11.52 20.94 -19.87
CA LYS B 214 -10.71 22.10 -20.22
C LYS B 214 -11.48 23.43 -20.08
N SER B 215 -12.72 23.35 -19.59
CA SER B 215 -13.55 24.54 -19.38
C SER B 215 -13.26 25.22 -18.04
N ALA B 216 -13.45 26.54 -17.99
CA ALA B 216 -13.12 27.33 -16.81
C ALA B 216 -14.34 27.63 -15.93
N ASP B 217 -15.51 27.26 -16.41
CA ASP B 217 -16.74 27.51 -15.66
C ASP B 217 -16.76 26.69 -14.37
N ASN B 218 -17.50 27.19 -13.38
CA ASN B 218 -17.54 26.57 -12.06
C ASN B 218 -18.22 25.22 -12.03
N TYR B 219 -19.13 24.99 -12.98
CA TYR B 219 -19.85 23.72 -13.04
C TYR B 219 -18.94 22.56 -13.41
N ASN B 220 -18.10 22.75 -14.42
CA ASN B 220 -17.15 21.73 -14.83
C ASN B 220 -16.00 21.57 -13.84
N LYS B 221 -15.56 22.67 -13.25
CA LYS B 221 -14.48 22.65 -12.28
C LYS B 221 -14.90 21.90 -11.02
N PHE B 222 -16.13 22.14 -10.57
CA PHE B 222 -16.63 21.48 -9.36
C PHE B 222 -16.91 19.99 -9.61
N LEU B 223 -17.31 19.66 -10.83
CA LEU B 223 -17.47 18.26 -11.20
C LEU B 223 -16.11 17.55 -11.18
N THR B 224 -15.11 18.18 -11.79
CA THR B 224 -13.76 17.64 -11.82
C THR B 224 -13.20 17.48 -10.42
N LEU B 225 -13.36 18.51 -9.60
CA LEU B 225 -12.87 18.49 -8.22
C LEU B 225 -13.68 17.50 -7.38
N GLY B 226 -14.99 17.51 -7.56
CA GLY B 226 -15.88 16.62 -6.84
C GLY B 226 -15.64 15.16 -7.16
N ASN B 227 -15.37 14.87 -8.43
CA ASN B 227 -15.07 13.51 -8.85
C ASN B 227 -13.81 12.98 -8.15
N TYR B 228 -12.84 13.86 -7.92
CA TYR B 228 -11.64 13.48 -7.20
C TYR B 228 -11.95 13.11 -5.75
N TYR B 229 -12.87 13.85 -5.15
CA TYR B 229 -13.31 13.55 -3.79
C TYR B 229 -14.01 12.19 -3.76
N ALA B 230 -14.72 11.86 -4.83
CA ALA B 230 -15.38 10.57 -4.93
C ALA B 230 -14.35 9.45 -5.12
N TYR B 231 -13.29 9.73 -5.87
CA TYR B 231 -12.20 8.75 -6.03
C TYR B 231 -11.53 8.51 -4.68
N GLY B 232 -11.36 9.58 -3.90
CA GLY B 232 -10.77 9.48 -2.58
C GLY B 232 -11.50 8.51 -1.68
N ILE B 233 -12.81 8.70 -1.52
CA ILE B 233 -13.57 7.87 -0.60
C ILE B 233 -13.72 6.45 -1.15
N ALA B 234 -13.74 6.30 -2.47
CA ALA B 234 -13.79 4.99 -3.10
C ALA B 234 -12.49 4.23 -2.87
N ARG B 235 -11.38 4.98 -2.86
CA ARG B 235 -10.06 4.42 -2.60
C ARG B 235 -9.98 3.83 -1.19
N SER B 236 -10.53 4.57 -0.23
CA SER B 236 -10.58 4.10 1.15
C SER B 236 -11.46 2.86 1.31
N SER B 237 -12.57 2.82 0.57
CA SER B 237 -13.50 1.71 0.68
C SER B 237 -12.85 0.39 0.25
N LEU B 238 -12.10 0.43 -0.85
CA LEU B 238 -11.41 -0.76 -1.33
C LEU B 238 -10.28 -1.15 -0.38
N TRP B 239 -9.55 -0.14 0.10
CA TRP B 239 -8.40 -0.35 0.98
C TRP B 239 -8.82 -1.02 2.28
N ALA B 240 -9.92 -0.56 2.85
CA ALA B 240 -10.44 -1.09 4.11
C ALA B 240 -10.80 -2.57 3.99
N LEU B 241 -11.07 -3.02 2.77
CA LEU B 241 -11.41 -4.42 2.53
C LEU B 241 -10.20 -5.21 2.03
N GLY B 242 -9.06 -4.54 1.88
CA GLY B 242 -7.85 -5.16 1.43
C GLY B 242 -7.91 -5.58 -0.03
N ILE B 243 -8.72 -4.88 -0.81
CA ILE B 243 -8.88 -5.21 -2.23
C ILE B 243 -8.01 -4.32 -3.10
N ASP B 244 -7.14 -4.96 -3.90
CA ASP B 244 -6.28 -4.26 -4.83
C ASP B 244 -7.10 -3.57 -5.91
N ASN B 245 -6.81 -2.30 -6.16
CA ASN B 245 -7.62 -1.53 -7.11
C ASN B 245 -7.16 -1.69 -8.56
N SER B 246 -6.36 -2.72 -8.83
CA SER B 246 -5.91 -3.02 -10.19
C SER B 246 -6.82 -4.03 -10.88
N PHE B 247 -8.00 -4.27 -10.30
CA PHE B 247 -8.91 -5.25 -10.86
C PHE B 247 -10.32 -4.67 -11.11
N PRO B 248 -10.43 -3.76 -12.09
CA PRO B 248 -11.69 -3.09 -12.39
C PRO B 248 -12.69 -4.02 -13.08
N LEU B 249 -13.96 -3.65 -13.04
CA LEU B 249 -15.02 -4.42 -13.70
C LEU B 249 -15.39 -3.83 -15.05
N LEU B 250 -15.38 -2.50 -15.13
CA LEU B 250 -15.84 -1.80 -16.32
C LEU B 250 -14.74 -0.99 -17.00
N HIS B 251 -13.94 -0.27 -16.21
CA HIS B 251 -12.79 0.43 -16.74
C HIS B 251 -11.78 -0.57 -17.29
N GLY B 252 -10.95 -0.12 -18.24
CA GLY B 252 -9.98 -0.98 -18.87
C GLY B 252 -9.04 -1.66 -17.89
N SER B 253 -8.62 -2.87 -18.21
CA SER B 253 -7.74 -3.63 -17.34
C SER B 253 -6.34 -2.99 -17.25
N THR B 254 -6.02 -2.15 -18.22
CA THR B 254 -4.73 -1.46 -18.25
C THR B 254 -4.78 -0.13 -17.50
N ARG B 255 -5.97 0.23 -17.00
CA ARG B 255 -6.17 1.50 -16.31
C ARG B 255 -5.73 1.41 -14.85
N ARG B 256 -4.68 2.17 -14.51
CA ARG B 256 -4.17 2.18 -13.15
C ARG B 256 -5.24 2.64 -12.16
N GLY B 257 -5.44 1.87 -11.10
CA GLY B 257 -6.47 2.16 -10.13
C GLY B 257 -7.87 2.12 -10.72
N GLY B 258 -8.04 1.35 -11.77
CA GLY B 258 -9.32 1.27 -12.48
C GLY B 258 -10.51 0.95 -11.59
N LEU B 259 -10.29 0.10 -10.59
CA LEU B 259 -11.38 -0.32 -9.71
C LEU B 259 -11.88 0.85 -8.86
N VAL B 260 -10.99 1.77 -8.51
CA VAL B 260 -11.38 2.97 -7.77
C VAL B 260 -12.41 3.77 -8.55
N PHE B 261 -12.20 3.91 -9.85
CA PHE B 261 -13.10 4.68 -10.70
C PHE B 261 -14.45 3.98 -10.86
N ASP B 262 -14.43 2.65 -10.91
CA ASP B 262 -15.67 1.89 -10.99
C ASP B 262 -16.53 2.12 -9.75
N VAL B 263 -15.91 2.02 -8.58
CA VAL B 263 -16.62 2.21 -7.32
C VAL B 263 -17.13 3.65 -7.16
N ALA B 264 -16.31 4.62 -7.54
CA ALA B 264 -16.69 6.03 -7.43
C ALA B 264 -17.88 6.40 -8.32
N ASP B 265 -18.04 5.69 -9.44
CA ASP B 265 -19.13 5.94 -10.37
C ASP B 265 -20.50 5.65 -9.76
N ILE B 266 -20.51 4.91 -8.66
CA ILE B 266 -21.74 4.64 -7.93
C ILE B 266 -22.36 5.94 -7.41
N ILE B 267 -21.52 6.87 -6.97
CA ILE B 267 -22.00 8.09 -6.32
C ILE B 267 -21.72 9.38 -7.09
N LYS B 268 -21.07 9.26 -8.24
CA LYS B 268 -20.67 10.44 -9.01
C LYS B 268 -21.87 11.17 -9.62
N THR B 269 -22.95 10.44 -9.89
CA THR B 269 -24.14 11.05 -10.47
C THR B 269 -25.23 11.32 -9.42
N SER B 270 -25.11 10.68 -8.26
CA SER B 270 -26.12 10.82 -7.21
C SER B 270 -25.70 11.83 -6.14
N ILE B 271 -24.40 11.99 -5.94
CA ILE B 271 -23.88 12.87 -4.90
C ILE B 271 -23.04 14.01 -5.47
N ILE B 272 -22.01 13.66 -6.24
CA ILE B 272 -21.10 14.66 -6.77
C ILE B 272 -21.78 15.63 -7.73
N LEU B 273 -22.54 15.09 -8.67
CA LEU B 273 -23.21 15.90 -9.68
C LEU B 273 -24.18 16.96 -9.10
N PRO B 274 -25.07 16.57 -8.18
CA PRO B 274 -25.93 17.63 -7.64
C PRO B 274 -25.20 18.61 -6.71
N LEU B 275 -24.21 18.14 -5.97
CA LEU B 275 -23.47 19.01 -5.07
C LEU B 275 -22.62 20.03 -5.84
N ALA B 276 -22.08 19.60 -6.98
CA ALA B 276 -21.24 20.44 -7.81
C ALA B 276 -22.06 21.56 -8.46
N PHE B 277 -23.23 21.20 -8.98
CA PHE B 277 -24.10 22.18 -9.60
C PHE B 277 -24.68 23.15 -8.58
N HIS B 278 -24.88 22.67 -7.35
CA HIS B 278 -25.40 23.49 -6.28
C HIS B 278 -24.35 24.50 -5.80
N ALA B 279 -23.10 24.04 -5.72
CA ALA B 279 -22.00 24.89 -5.29
C ALA B 279 -21.67 25.93 -6.35
N ALA B 280 -21.75 25.54 -7.62
CA ALA B 280 -21.49 26.45 -8.72
C ALA B 280 -22.58 27.50 -8.83
N ASP B 281 -23.81 27.11 -8.49
CA ASP B 281 -24.94 28.01 -8.57
C ASP B 281 -24.92 29.06 -7.45
N GLN B 282 -24.38 28.69 -6.31
CA GLN B 282 -24.32 29.61 -5.17
C GLN B 282 -22.96 30.26 -5.02
N GLY B 283 -22.08 30.03 -6.00
CA GLY B 283 -20.78 30.66 -6.04
C GLY B 283 -19.89 30.33 -4.86
N MET B 284 -19.88 29.07 -4.45
CA MET B 284 -19.02 28.63 -3.36
C MET B 284 -17.55 28.68 -3.75
N SER B 285 -16.67 28.77 -2.75
CA SER B 285 -15.24 28.64 -2.98
C SER B 285 -14.88 27.16 -3.00
N ASN B 286 -13.63 26.84 -3.35
CA ASN B 286 -13.18 25.45 -3.37
C ASN B 286 -13.20 24.84 -1.97
N THR B 287 -12.93 25.67 -0.98
CA THR B 287 -12.93 25.23 0.41
C THR B 287 -14.34 24.84 0.87
N GLU B 288 -15.30 25.69 0.55
CA GLU B 288 -16.70 25.45 0.93
C GLU B 288 -17.25 24.22 0.23
N PHE B 289 -16.89 24.06 -1.05
CA PHE B 289 -17.38 22.93 -1.83
C PHE B 289 -16.90 21.61 -1.26
N LYS B 290 -15.61 21.53 -0.93
CA LYS B 290 -15.05 20.30 -0.36
C LYS B 290 -15.74 19.96 0.95
N ARG B 291 -15.96 20.97 1.78
CA ARG B 291 -16.61 20.78 3.07
C ARG B 291 -18.02 20.20 2.89
N SER B 292 -18.72 20.64 1.84
CA SER B 292 -20.07 20.15 1.57
C SER B 292 -20.04 18.68 1.14
N CYS B 293 -19.01 18.30 0.38
CA CYS B 293 -18.86 16.90 -0.02
C CYS B 293 -18.53 16.04 1.19
N VAL B 294 -17.55 16.47 1.97
CA VAL B 294 -17.13 15.76 3.17
C VAL B 294 -18.28 15.62 4.18
N ALA B 295 -19.04 16.71 4.36
CA ALA B 295 -20.18 16.70 5.26
C ALA B 295 -21.24 15.68 4.83
N TYR B 296 -21.50 15.63 3.53
CA TYR B 296 -22.47 14.66 3.01
C TYR B 296 -21.95 13.24 3.20
N PHE B 297 -20.66 13.03 2.97
CA PHE B 297 -20.04 11.72 3.17
C PHE B 297 -20.23 11.24 4.61
N ASP B 298 -19.97 12.13 5.55
CA ASP B 298 -20.08 11.84 6.98
C ASP B 298 -21.52 11.62 7.42
N LYS B 299 -22.40 12.54 7.04
CA LYS B 299 -23.79 12.54 7.47
C LYS B 299 -24.52 11.29 7.02
N ASN B 300 -24.23 10.85 5.80
CA ASN B 300 -24.95 9.72 5.21
C ASN B 300 -24.15 8.43 5.15
N ASP B 301 -23.03 8.40 5.88
CA ASP B 301 -22.18 7.22 5.98
C ASP B 301 -21.85 6.62 4.62
N ILE B 302 -21.33 7.46 3.73
CA ILE B 302 -21.09 7.04 2.35
C ILE B 302 -19.98 6.00 2.25
N LEU B 303 -18.99 6.09 3.14
CA LEU B 303 -17.90 5.11 3.15
C LEU B 303 -18.46 3.71 3.43
N ALA B 304 -19.32 3.62 4.44
CA ALA B 304 -19.96 2.36 4.78
C ALA B 304 -20.88 1.87 3.67
N TYR B 305 -21.53 2.81 3.00
CA TYR B 305 -22.41 2.49 1.87
C TYR B 305 -21.62 1.80 0.76
N LEU B 306 -20.46 2.35 0.44
CA LEU B 306 -19.60 1.79 -0.61
C LEU B 306 -19.02 0.44 -0.19
N ILE B 307 -18.52 0.38 1.04
CA ILE B 307 -17.94 -0.85 1.57
C ILE B 307 -18.92 -2.00 1.55
N ASN B 308 -20.13 -1.74 2.04
CA ASN B 308 -21.16 -2.78 2.07
C ASN B 308 -21.56 -3.23 0.66
N ASN B 309 -21.56 -2.30 -0.29
CA ASN B 309 -21.88 -2.65 -1.67
C ASN B 309 -20.80 -3.51 -2.30
N ILE B 310 -19.53 -3.15 -2.08
CA ILE B 310 -18.41 -3.94 -2.59
C ILE B 310 -18.45 -5.36 -2.03
N LYS B 311 -18.75 -5.46 -0.73
CA LYS B 311 -18.87 -6.76 -0.10
C LYS B 311 -19.94 -7.61 -0.78
N ARG B 312 -21.08 -6.99 -1.12
CA ARG B 312 -22.15 -7.69 -1.81
C ARG B 312 -21.69 -8.28 -3.14
N LEU B 313 -20.81 -7.57 -3.83
CA LEU B 313 -20.34 -8.00 -5.14
C LEU B 313 -19.54 -9.29 -5.07
N CYS B 314 -18.63 -9.39 -4.10
CA CYS B 314 -17.70 -10.51 -4.08
C CYS B 314 -18.04 -11.60 -3.06
N MET B 315 -18.92 -11.30 -2.10
CA MET B 315 -19.23 -12.27 -1.06
C MET B 315 -20.27 -13.30 -1.49
N GLU B 316 -21.32 -12.82 -2.17
CA GLU B 316 -22.49 -13.60 -2.62
C GLU B 316 -22.54 -15.05 -2.14
K K C . -8.37 -3.15 18.10
#